data_2NWS
#
_entry.id   2NWS
#
_cell.length_a   84.466
_cell.length_b   84.466
_cell.length_c   159.907
_cell.angle_alpha   90.00
_cell.angle_beta   90.00
_cell.angle_gamma   120.00
#
_symmetry.space_group_name_H-M   'P 31 2 1'
#
loop_
_entity.id
_entity.type
_entity.pdbx_description
1 polymer '2-dehydro-3-deoxyphosphooctonate aldolase'
2 non-polymer PHOSPHOENOLPYRUVATE
3 non-polymer ARABINOSE-5-PHOSPHATE
4 water water
#
_entity_poly.entity_id   1
_entity_poly.type   'polypeptide(L)'
_entity_poly.pdbx_seq_one_letter_code
;MEKFLVIAGPNAIESEELLLKVGEEIKRLSEKFKEVEFVFKSSFDKANRSSIHSFRGHGLEYGVKALRKVKEEFGLKITT
DIHESWQAEPVAEVADIIQIPAFLCRQTDLLLAAAKTGRAVNVKKGQFLAPWDTKNVVEKLKFGGAKEIYLTERGTTFGY
NNLVVDFRSLPIMKQWAKVIYDATHSVQLPGGLGDKSGGMREFIFPLIRAAVAVGCDGVFMETHPEPEKALSDASTQLPL
SQLEGIIEAILEIREVASKYYETIPVK
;
_entity_poly.pdbx_strand_id   A,B
#
loop_
_chem_comp.id
_chem_comp.type
_chem_comp.name
_chem_comp.formula
A5P non-polymer ARABINOSE-5-PHOSPHATE 'C5 H13 O8 P'
PEP non-polymer PHOSPHOENOLPYRUVATE 'C3 H5 O6 P'
#
# COMPACT_ATOMS: atom_id res chain seq x y z
N GLU A 2 16.26 28.79 -4.68
CA GLU A 2 14.87 28.47 -4.25
C GLU A 2 14.82 28.11 -2.76
N LYS A 3 13.76 28.53 -2.07
CA LYS A 3 13.61 28.26 -0.65
C LYS A 3 13.61 26.76 -0.37
N PHE A 4 14.34 26.36 0.66
CA PHE A 4 14.43 24.96 1.05
C PHE A 4 13.26 24.63 1.94
N LEU A 5 12.63 23.48 1.72
CA LEU A 5 11.48 23.09 2.53
C LEU A 5 11.89 22.18 3.69
N VAL A 6 11.36 22.47 4.88
CA VAL A 6 11.63 21.63 6.04
C VAL A 6 10.29 21.28 6.66
N ILE A 7 9.87 20.04 6.48
CA ILE A 7 8.62 19.54 7.04
C ILE A 7 8.98 18.86 8.35
N ALA A 8 8.47 19.38 9.46
CA ALA A 8 8.78 18.83 10.76
C ALA A 8 7.61 18.87 11.72
N GLY A 9 7.64 17.98 12.70
CA GLY A 9 6.58 17.96 13.69
C GLY A 9 6.47 16.60 14.32
N PRO A 10 5.58 16.43 15.32
CA PRO A 10 5.45 15.12 15.97
C PRO A 10 4.72 14.19 15.00
N ASN A 11 5.11 12.91 14.98
CA ASN A 11 4.48 11.96 14.08
C ASN A 11 2.96 11.95 14.16
N ALA A 12 2.45 11.80 15.38
CA ALA A 12 1.02 11.76 15.60
C ALA A 12 0.53 12.86 16.55
N ILE A 13 -0.69 13.33 16.32
CA ILE A 13 -1.29 14.36 17.15
C ILE A 13 -1.73 13.71 18.47
N GLU A 14 -0.76 13.45 19.34
CA GLU A 14 -1.04 12.83 20.62
C GLU A 14 -1.95 13.72 21.47
N SER A 15 -1.85 15.03 21.25
CA SER A 15 -2.66 15.99 21.98
C SER A 15 -2.40 17.36 21.36
N GLU A 16 -3.34 18.28 21.54
CA GLU A 16 -3.18 19.62 21.00
C GLU A 16 -2.01 20.32 21.69
N GLU A 17 -1.75 19.94 22.94
CA GLU A 17 -0.66 20.52 23.71
C GLU A 17 0.71 20.13 23.16
N LEU A 18 0.85 18.88 22.75
CA LEU A 18 2.11 18.41 22.19
C LEU A 18 2.41 19.22 20.94
N LEU A 19 1.37 19.45 20.14
CA LEU A 19 1.51 20.21 18.91
C LEU A 19 2.00 21.64 19.15
N LEU A 20 1.40 22.31 20.13
CA LEU A 20 1.79 23.68 20.44
C LEU A 20 3.21 23.73 20.99
N LYS A 21 3.60 22.67 21.70
CA LYS A 21 4.95 22.60 22.26
C LYS A 21 5.98 22.53 21.12
N VAL A 22 5.73 21.65 20.16
CA VAL A 22 6.62 21.48 19.02
C VAL A 22 6.51 22.68 18.08
N GLY A 23 5.29 23.16 17.90
CA GLY A 23 5.06 24.30 17.03
C GLY A 23 5.82 25.52 17.48
N GLU A 24 5.88 25.73 18.79
CA GLU A 24 6.57 26.87 19.35
C GLU A 24 8.04 26.86 18.92
N GLU A 25 8.68 25.69 19.01
CA GLU A 25 10.07 25.58 18.63
C GLU A 25 10.24 25.75 17.12
N ILE A 26 9.31 25.19 16.35
CA ILE A 26 9.42 25.32 14.90
C ILE A 26 9.26 26.79 14.49
N LYS A 27 8.43 27.52 15.22
CA LYS A 27 8.23 28.94 14.97
C LYS A 27 9.52 29.69 15.31
N ARG A 28 10.14 29.36 16.44
CA ARG A 28 11.39 30.02 16.82
C ARG A 28 12.43 29.82 15.71
N LEU A 29 12.51 28.59 15.21
CA LEU A 29 13.47 28.25 14.16
C LEU A 29 13.16 28.90 12.83
N SER A 30 11.88 29.05 12.51
CA SER A 30 11.50 29.68 11.26
C SER A 30 11.94 31.14 11.28
N GLU A 31 12.08 31.70 12.48
CA GLU A 31 12.50 33.09 12.63
C GLU A 31 14.00 33.24 12.37
N LYS A 32 14.77 32.24 12.78
CA LYS A 32 16.20 32.27 12.58
C LYS A 32 16.57 31.88 11.16
N PHE A 33 16.08 30.72 10.72
CA PHE A 33 16.37 30.24 9.38
C PHE A 33 15.35 30.80 8.40
N LYS A 34 15.51 32.07 8.06
CA LYS A 34 14.59 32.75 7.16
C LYS A 34 14.69 32.27 5.71
N GLU A 35 15.76 31.56 5.38
CA GLU A 35 15.92 31.08 4.01
C GLU A 35 15.20 29.74 3.86
N VAL A 36 14.52 29.32 4.91
CA VAL A 36 13.80 28.05 4.91
C VAL A 36 12.29 28.21 5.05
N GLU A 37 11.54 27.40 4.31
CA GLU A 37 10.09 27.43 4.40
C GLU A 37 9.71 26.24 5.30
N PHE A 38 9.20 26.53 6.49
CA PHE A 38 8.80 25.47 7.41
C PHE A 38 7.35 25.05 7.27
N VAL A 39 7.11 23.75 7.36
CA VAL A 39 5.75 23.22 7.27
C VAL A 39 5.58 22.27 8.45
N PHE A 40 4.57 22.52 9.27
CA PHE A 40 4.30 21.71 10.45
C PHE A 40 3.51 20.46 10.11
N LYS A 41 4.04 19.31 10.46
CA LYS A 41 3.38 18.04 10.16
C LYS A 41 3.01 17.22 11.39
N SER A 42 1.85 16.58 11.29
CA SER A 42 1.38 15.67 12.33
C SER A 42 0.13 15.00 11.80
N SER A 43 0.05 13.69 12.02
CA SER A 43 -1.09 12.89 11.56
C SER A 43 -2.23 12.83 12.56
N PHE A 44 -3.45 12.99 12.06
CA PHE A 44 -4.61 12.96 12.91
C PHE A 44 -5.03 11.50 13.11
N ASP A 45 -4.43 10.62 12.30
CA ASP A 45 -4.69 9.19 12.38
C ASP A 45 -3.60 8.30 11.79
N LYS A 46 -3.24 7.27 12.55
CA LYS A 46 -2.27 6.29 12.11
C LYS A 46 -3.17 5.14 11.65
N ALA A 47 -3.59 5.22 10.39
CA ALA A 47 -4.50 4.24 9.80
C ALA A 47 -3.86 2.94 9.33
N ASN A 48 -2.55 2.81 9.54
CA ASN A 48 -1.85 1.63 9.08
C ASN A 48 -0.92 1.00 10.14
N ARG A 49 -1.26 1.10 11.41
CA ARG A 49 -0.41 0.49 12.44
C ARG A 49 -0.32 -1.03 12.20
N SER A 50 0.77 -1.64 12.67
CA SER A 50 0.93 -3.07 12.51
C SER A 50 -0.05 -3.78 13.42
N SER A 51 -0.20 -3.27 14.64
CA SER A 51 -1.10 -3.88 15.61
C SER A 51 -2.41 -3.14 15.83
N ILE A 52 -3.46 -3.91 16.12
CA ILE A 52 -4.77 -3.35 16.37
C ILE A 52 -4.76 -2.64 17.72
N HIS A 53 -3.79 -2.98 18.56
CA HIS A 53 -3.68 -2.40 19.90
C HIS A 53 -2.81 -1.15 20.00
N SER A 54 -2.21 -0.72 18.90
CA SER A 54 -1.37 0.46 18.92
C SER A 54 -2.17 1.75 18.80
N PHE A 55 -1.55 2.85 19.21
CA PHE A 55 -2.19 4.16 19.16
C PHE A 55 -2.53 4.57 17.72
N ARG A 56 -3.71 5.13 17.52
CA ARG A 56 -4.14 5.59 16.21
C ARG A 56 -4.32 7.10 16.20
N GLY A 57 -5.09 7.60 17.15
CA GLY A 57 -5.33 9.03 17.22
C GLY A 57 -6.63 9.40 17.89
N HIS A 58 -6.96 10.69 17.86
CA HIS A 58 -8.17 11.18 18.49
C HIS A 58 -9.24 11.60 17.49
N GLY A 59 -9.06 11.19 16.25
CA GLY A 59 -10.04 11.51 15.23
C GLY A 59 -9.65 12.64 14.31
N LEU A 60 -10.32 12.69 13.16
CA LEU A 60 -10.08 13.70 12.16
C LEU A 60 -10.52 15.08 12.66
N GLU A 61 -11.68 15.13 13.28
CA GLU A 61 -12.23 16.37 13.81
C GLU A 61 -11.26 17.03 14.80
N TYR A 62 -10.89 16.27 15.84
CA TYR A 62 -9.98 16.76 16.87
C TYR A 62 -8.64 17.18 16.26
N GLY A 63 -8.12 16.31 15.39
CA GLY A 63 -6.84 16.57 14.74
C GLY A 63 -6.80 17.85 13.94
N VAL A 64 -7.79 18.04 13.06
CA VAL A 64 -7.84 19.24 12.24
C VAL A 64 -7.95 20.47 13.12
N LYS A 65 -8.69 20.34 14.22
CA LYS A 65 -8.88 21.43 15.17
C LYS A 65 -7.52 21.79 15.78
N ALA A 66 -6.74 20.77 16.13
CA ALA A 66 -5.43 20.96 16.72
C ALA A 66 -4.46 21.61 15.74
N LEU A 67 -4.49 21.16 14.48
CA LEU A 67 -3.61 21.72 13.47
C LEU A 67 -3.95 23.19 13.20
N ARG A 68 -5.23 23.51 13.20
CA ARG A 68 -5.67 24.88 12.97
C ARG A 68 -5.14 25.77 14.09
N LYS A 69 -5.19 25.26 15.31
CA LYS A 69 -4.69 26.01 16.47
C LYS A 69 -3.22 26.37 16.22
N VAL A 70 -2.45 25.41 15.72
CA VAL A 70 -1.03 25.63 15.43
C VAL A 70 -0.86 26.71 14.37
N LYS A 71 -1.63 26.63 13.29
CA LYS A 71 -1.53 27.62 12.23
C LYS A 71 -1.88 29.03 12.71
N GLU A 72 -2.94 29.13 13.53
CA GLU A 72 -3.37 30.42 14.04
C GLU A 72 -2.43 31.03 15.07
N GLU A 73 -1.92 30.20 15.97
CA GLU A 73 -1.03 30.67 17.01
C GLU A 73 0.39 31.00 16.55
N PHE A 74 0.90 30.23 15.58
CA PHE A 74 2.27 30.44 15.10
C PHE A 74 2.41 30.93 13.67
N GLY A 75 1.32 30.90 12.90
CA GLY A 75 1.39 31.34 11.52
C GLY A 75 2.19 30.42 10.62
N LEU A 76 2.25 29.14 11.01
CA LEU A 76 2.98 28.12 10.27
C LEU A 76 2.10 27.39 9.26
N LYS A 77 2.68 27.00 8.13
CA LYS A 77 1.93 26.25 7.14
C LYS A 77 1.72 24.85 7.72
N ILE A 78 0.74 24.15 7.20
CA ILE A 78 0.36 22.84 7.72
C ILE A 78 0.25 21.69 6.71
N THR A 79 0.64 20.51 7.14
CA THR A 79 0.52 19.31 6.29
C THR A 79 0.14 18.12 7.16
N THR A 80 -0.70 17.26 6.62
CA THR A 80 -1.14 16.05 7.31
C THR A 80 -1.59 15.06 6.24
N ASP A 81 -1.56 13.76 6.54
CA ASP A 81 -1.95 12.75 5.56
C ASP A 81 -3.41 12.30 5.61
N ILE A 82 -3.94 11.94 4.43
CA ILE A 82 -5.33 11.44 4.34
C ILE A 82 -5.29 9.97 4.05
N HIS A 83 -6.35 9.26 4.41
CA HIS A 83 -6.38 7.82 4.24
C HIS A 83 -7.48 7.26 3.35
N GLU A 84 -8.52 8.06 3.14
CA GLU A 84 -9.63 7.69 2.26
C GLU A 84 -10.07 8.99 1.59
N SER A 85 -10.63 8.88 0.39
CA SER A 85 -11.06 10.04 -0.38
C SER A 85 -11.88 11.09 0.36
N TRP A 86 -12.87 10.67 1.14
CA TRP A 86 -13.71 11.63 1.84
C TRP A 86 -12.95 12.62 2.72
N GLN A 87 -11.80 12.19 3.24
CA GLN A 87 -11.02 13.06 4.11
C GLN A 87 -10.33 14.25 3.44
N ALA A 88 -10.15 14.20 2.13
CA ALA A 88 -9.47 15.29 1.42
C ALA A 88 -10.11 16.66 1.64
N GLU A 89 -11.41 16.77 1.36
CA GLU A 89 -12.12 18.03 1.51
C GLU A 89 -11.97 18.68 2.88
N PRO A 90 -12.37 17.99 3.96
CA PRO A 90 -12.20 18.66 5.25
C PRO A 90 -10.76 19.02 5.58
N VAL A 91 -9.85 18.05 5.40
CA VAL A 91 -8.45 18.28 5.70
C VAL A 91 -7.88 19.46 4.92
N ALA A 92 -8.38 19.68 3.72
CA ALA A 92 -7.91 20.77 2.88
C ALA A 92 -8.24 22.15 3.47
N GLU A 93 -9.18 22.19 4.41
CA GLU A 93 -9.56 23.46 5.02
C GLU A 93 -8.41 24.02 5.85
N VAL A 94 -7.56 23.15 6.38
CA VAL A 94 -6.44 23.61 7.21
C VAL A 94 -5.08 23.25 6.64
N ALA A 95 -5.01 22.15 5.89
CA ALA A 95 -3.75 21.69 5.33
C ALA A 95 -3.31 22.42 4.06
N ASP A 96 -2.08 22.90 4.08
CA ASP A 96 -1.49 23.60 2.95
C ASP A 96 -0.95 22.57 1.96
N ILE A 97 -0.50 21.45 2.49
CA ILE A 97 0.03 20.36 1.69
C ILE A 97 -0.65 19.10 2.17
N ILE A 98 -1.30 18.39 1.26
CA ILE A 98 -1.97 17.13 1.62
C ILE A 98 -1.00 15.99 1.35
N GLN A 99 -0.71 15.21 2.39
CA GLN A 99 0.21 14.10 2.28
C GLN A 99 -0.49 12.78 2.00
N ILE A 100 0.06 12.02 1.04
CA ILE A 100 -0.47 10.71 0.65
C ILE A 100 0.44 9.61 1.19
N PRO A 101 -0.07 8.75 2.09
CA PRO A 101 0.76 7.67 2.64
C PRO A 101 1.44 6.78 1.61
N ALA A 102 2.58 6.21 2.01
CA ALA A 102 3.40 5.34 1.17
C ALA A 102 2.64 4.16 0.59
N PHE A 103 1.97 3.40 1.44
CA PHE A 103 1.21 2.23 0.99
C PHE A 103 0.10 2.63 0.04
N LEU A 104 -0.30 3.90 0.07
CA LEU A 104 -1.41 4.36 -0.76
C LEU A 104 -1.06 5.16 -2.01
N CYS A 105 0.23 5.28 -2.30
CA CYS A 105 0.72 6.05 -3.45
C CYS A 105 0.19 5.64 -4.82
N ARG A 106 -0.54 4.52 -4.89
CA ARG A 106 -1.07 4.06 -6.15
C ARG A 106 -2.60 4.11 -6.25
N GLN A 107 -3.25 4.49 -5.15
CA GLN A 107 -4.71 4.57 -5.10
C GLN A 107 -5.21 5.82 -5.83
N THR A 108 -5.64 5.62 -7.06
CA THR A 108 -6.10 6.69 -7.93
C THR A 108 -7.10 7.66 -7.32
N ASP A 109 -8.13 7.16 -6.66
CA ASP A 109 -9.13 8.04 -6.07
C ASP A 109 -8.58 8.94 -4.97
N LEU A 110 -7.71 8.40 -4.12
CA LEU A 110 -7.15 9.20 -3.04
C LEU A 110 -6.35 10.35 -3.65
N LEU A 111 -5.49 10.04 -4.62
CA LEU A 111 -4.68 11.07 -5.29
C LEU A 111 -5.57 12.14 -5.93
N LEU A 112 -6.61 11.70 -6.64
CA LEU A 112 -7.55 12.60 -7.30
C LEU A 112 -8.28 13.51 -6.30
N ALA A 113 -8.69 12.93 -5.17
CA ALA A 113 -9.38 13.68 -4.15
C ALA A 113 -8.51 14.82 -3.62
N ALA A 114 -7.23 14.52 -3.45
CA ALA A 114 -6.27 15.49 -2.95
C ALA A 114 -6.06 16.57 -3.99
N ALA A 115 -5.80 16.14 -5.23
CA ALA A 115 -5.54 17.06 -6.31
C ALA A 115 -6.62 18.14 -6.53
N LYS A 116 -7.90 17.75 -6.52
CA LYS A 116 -8.98 18.69 -6.77
C LYS A 116 -9.24 19.74 -5.69
N THR A 117 -8.55 19.64 -4.55
CA THR A 117 -8.74 20.60 -3.47
C THR A 117 -7.97 21.89 -3.74
N GLY A 118 -7.06 21.86 -4.70
CA GLY A 118 -6.27 23.05 -5.00
C GLY A 118 -5.06 23.16 -4.09
N ARG A 119 -4.99 22.30 -3.09
CA ARG A 119 -3.85 22.32 -2.17
C ARG A 119 -2.66 21.61 -2.78
N ALA A 120 -1.50 21.77 -2.16
CA ALA A 120 -0.29 21.12 -2.63
C ALA A 120 -0.38 19.67 -2.19
N VAL A 121 0.21 18.76 -2.96
CA VAL A 121 0.17 17.35 -2.59
C VAL A 121 1.55 16.72 -2.55
N ASN A 122 1.83 16.06 -1.44
CA ASN A 122 3.11 15.39 -1.25
C ASN A 122 2.92 13.88 -1.11
N VAL A 123 3.41 13.14 -2.10
CA VAL A 123 3.29 11.69 -2.11
C VAL A 123 4.51 10.96 -1.59
N LYS A 124 4.32 10.15 -0.56
CA LYS A 124 5.41 9.35 -0.01
C LYS A 124 5.59 8.22 -1.00
N LYS A 125 6.81 8.03 -1.52
CA LYS A 125 7.05 6.96 -2.47
C LYS A 125 6.92 5.61 -1.79
N GLY A 126 6.03 4.76 -2.31
CA GLY A 126 5.84 3.44 -1.73
C GLY A 126 7.11 2.62 -1.66
N GLN A 127 7.23 1.81 -0.62
CA GLN A 127 8.40 0.97 -0.42
C GLN A 127 8.55 -0.10 -1.51
N PHE A 128 7.51 -0.26 -2.31
CA PHE A 128 7.45 -1.24 -3.39
C PHE A 128 7.66 -0.58 -4.74
N LEU A 129 7.75 0.75 -4.75
CA LEU A 129 7.88 1.50 -5.99
C LEU A 129 9.30 1.86 -6.41
N ALA A 130 9.59 1.70 -7.71
CA ALA A 130 10.89 2.05 -8.25
C ALA A 130 10.83 3.58 -8.49
N PRO A 131 11.99 4.26 -8.46
CA PRO A 131 11.99 5.71 -8.67
C PRO A 131 11.33 6.17 -9.98
N TRP A 132 11.60 5.45 -11.06
CA TRP A 132 11.04 5.80 -12.34
C TRP A 132 9.54 5.54 -12.44
N ASP A 133 8.98 4.80 -11.48
CA ASP A 133 7.54 4.53 -11.50
C ASP A 133 6.75 5.72 -10.94
N THR A 134 7.45 6.73 -10.41
CA THR A 134 6.77 7.89 -9.84
C THR A 134 6.28 8.83 -10.91
N LYS A 135 6.78 8.68 -12.12
CA LYS A 135 6.34 9.54 -13.20
C LYS A 135 4.82 9.45 -13.35
N ASN A 136 4.26 8.25 -13.34
CA ASN A 136 2.81 8.10 -13.48
C ASN A 136 2.04 8.64 -12.29
N VAL A 137 2.67 8.65 -11.12
CA VAL A 137 2.02 9.17 -9.92
C VAL A 137 1.81 10.67 -10.10
N VAL A 138 2.83 11.33 -10.64
CA VAL A 138 2.78 12.75 -10.88
C VAL A 138 1.78 13.05 -11.99
N GLU A 139 1.73 12.18 -13.00
CA GLU A 139 0.79 12.37 -14.10
C GLU A 139 -0.63 12.32 -13.57
N LYS A 140 -0.94 11.33 -12.74
CA LYS A 140 -2.27 11.23 -12.16
C LYS A 140 -2.63 12.54 -11.46
N LEU A 141 -1.70 13.08 -10.66
CA LEU A 141 -1.96 14.32 -9.94
C LEU A 141 -2.15 15.53 -10.87
N LYS A 142 -1.33 15.64 -11.90
CA LYS A 142 -1.49 16.75 -12.82
C LYS A 142 -2.89 16.63 -13.45
N PHE A 143 -3.28 15.40 -13.75
CA PHE A 143 -4.58 15.11 -14.37
C PHE A 143 -5.74 15.53 -13.46
N GLY A 144 -5.55 15.37 -12.16
CA GLY A 144 -6.60 15.73 -11.22
C GLY A 144 -6.55 17.19 -10.77
N GLY A 145 -5.67 17.98 -11.38
CA GLY A 145 -5.58 19.39 -11.05
C GLY A 145 -4.46 19.94 -10.16
N ALA A 146 -3.59 19.09 -9.64
CA ALA A 146 -2.51 19.56 -8.77
C ALA A 146 -1.48 20.37 -9.55
N LYS A 147 -1.11 21.53 -8.99
CA LYS A 147 -0.13 22.40 -9.62
C LYS A 147 1.17 22.43 -8.84
N GLU A 148 1.10 22.00 -7.58
CA GLU A 148 2.28 21.95 -6.72
C GLU A 148 2.37 20.51 -6.22
N ILE A 149 3.34 19.77 -6.74
CA ILE A 149 3.52 18.36 -6.41
C ILE A 149 4.88 18.01 -5.83
N TYR A 150 4.88 17.17 -4.79
CA TYR A 150 6.10 16.71 -4.14
C TYR A 150 6.18 15.17 -4.08
N LEU A 151 7.39 14.64 -4.20
CA LEU A 151 7.62 13.20 -4.09
C LEU A 151 8.60 13.01 -2.94
N THR A 152 8.22 12.18 -1.97
CA THR A 152 9.08 11.95 -0.81
C THR A 152 9.76 10.59 -0.78
N GLU A 153 11.07 10.62 -0.58
CA GLU A 153 11.87 9.40 -0.50
C GLU A 153 11.84 8.93 0.96
N ARG A 154 11.29 7.74 1.22
CA ARG A 154 11.24 7.22 2.58
C ARG A 154 11.74 5.77 2.68
N GLY A 155 12.58 5.37 1.73
CA GLY A 155 13.12 4.03 1.75
C GLY A 155 12.39 3.00 0.92
N THR A 156 13.10 1.91 0.59
CA THR A 156 12.57 0.83 -0.23
C THR A 156 12.76 -0.50 0.45
N THR A 157 11.82 -1.41 0.24
CA THR A 157 11.91 -2.73 0.85
C THR A 157 13.23 -3.43 0.46
N PHE A 158 13.99 -3.84 1.47
CA PHE A 158 15.26 -4.49 1.26
C PHE A 158 15.27 -5.69 2.20
N GLY A 159 14.85 -6.83 1.68
CA GLY A 159 14.76 -8.02 2.51
C GLY A 159 13.62 -7.79 3.49
N TYR A 160 13.53 -8.61 4.52
CA TYR A 160 12.46 -8.47 5.50
C TYR A 160 12.79 -7.56 6.67
N ASN A 161 11.82 -6.72 7.02
CA ASN A 161 11.90 -5.81 8.15
C ASN A 161 13.05 -4.82 8.05
N ASN A 162 13.41 -4.43 6.83
CA ASN A 162 14.49 -3.48 6.65
C ASN A 162 14.22 -2.66 5.41
N LEU A 163 14.77 -1.45 5.38
CA LEU A 163 14.60 -0.56 4.25
C LEU A 163 15.97 -0.02 3.91
N VAL A 164 16.17 0.30 2.64
CA VAL A 164 17.42 0.89 2.22
C VAL A 164 17.07 2.15 1.46
N VAL A 165 17.94 3.15 1.49
CA VAL A 165 17.67 4.35 0.73
C VAL A 165 18.60 4.34 -0.47
N ASP A 166 18.00 4.35 -1.66
CA ASP A 166 18.75 4.36 -2.91
C ASP A 166 18.75 5.81 -3.37
N PHE A 167 19.81 6.53 -3.00
CA PHE A 167 19.90 7.93 -3.35
C PHE A 167 19.82 8.31 -4.82
N ARG A 168 19.88 7.32 -5.70
CA ARG A 168 19.76 7.59 -7.14
C ARG A 168 18.33 8.06 -7.41
N SER A 169 17.44 7.81 -6.44
CA SER A 169 16.03 8.20 -6.58
C SER A 169 15.85 9.71 -6.57
N LEU A 170 16.71 10.44 -5.86
CA LEU A 170 16.58 11.89 -5.80
C LEU A 170 16.70 12.54 -7.17
N PRO A 171 17.79 12.29 -7.91
CA PRO A 171 17.84 12.94 -9.22
C PRO A 171 16.82 12.37 -10.21
N ILE A 172 16.51 11.08 -10.10
CA ILE A 172 15.53 10.47 -11.00
C ILE A 172 14.17 11.15 -10.83
N MET A 173 13.66 11.18 -9.59
CA MET A 173 12.36 11.77 -9.35
C MET A 173 12.32 13.29 -9.62
N LYS A 174 13.47 13.96 -9.51
CA LYS A 174 13.49 15.39 -9.76
C LYS A 174 13.07 15.73 -11.19
N GLN A 175 13.11 14.73 -12.07
CA GLN A 175 12.71 14.94 -13.45
C GLN A 175 11.24 15.37 -13.62
N TRP A 176 10.39 14.97 -12.68
CA TRP A 176 8.97 15.32 -12.80
C TRP A 176 8.32 15.94 -11.57
N ALA A 177 9.05 16.12 -10.48
CA ALA A 177 8.47 16.75 -9.31
C ALA A 177 9.55 17.22 -8.35
N LYS A 178 9.15 18.02 -7.37
CA LYS A 178 10.10 18.49 -6.37
C LYS A 178 10.30 17.29 -5.45
N VAL A 179 11.50 17.17 -4.90
CA VAL A 179 11.83 16.01 -4.09
C VAL A 179 12.13 16.27 -2.61
N ILE A 180 11.44 15.51 -1.76
CA ILE A 180 11.62 15.61 -0.31
C ILE A 180 12.26 14.34 0.25
N TYR A 181 13.15 14.48 1.22
CA TYR A 181 13.78 13.32 1.83
C TYR A 181 13.27 13.16 3.26
N ASP A 182 12.62 12.03 3.53
CA ASP A 182 12.07 11.71 4.86
C ASP A 182 13.21 11.09 5.67
N ALA A 183 13.90 11.91 6.46
CA ALA A 183 15.03 11.45 7.26
C ALA A 183 14.68 10.50 8.41
N THR A 184 13.42 10.51 8.83
CA THR A 184 13.05 9.66 9.96
C THR A 184 12.46 8.30 9.59
N HIS A 185 11.54 8.24 8.62
CA HIS A 185 11.00 6.93 8.25
C HIS A 185 12.00 6.10 7.46
N SER A 186 13.01 6.75 6.89
CA SER A 186 14.01 6.01 6.13
C SER A 186 14.87 5.07 6.96
N VAL A 187 14.99 5.33 8.27
CA VAL A 187 15.81 4.47 9.12
C VAL A 187 14.93 3.52 9.93
N GLN A 188 13.65 3.48 9.54
CA GLN A 188 12.65 2.64 10.20
C GLN A 188 12.80 1.15 9.83
N LEU A 189 12.55 0.27 10.81
CA LEU A 189 12.61 -1.16 10.59
C LEU A 189 11.16 -1.68 10.66
N PRO A 190 10.49 -1.74 9.50
CA PRO A 190 9.09 -2.20 9.40
C PRO A 190 8.82 -3.51 10.14
N GLY A 191 7.90 -3.46 11.11
CA GLY A 191 7.58 -4.66 11.87
C GLY A 191 8.74 -5.22 12.67
N GLY A 192 9.82 -4.44 12.77
CA GLY A 192 11.00 -4.86 13.50
C GLY A 192 10.81 -5.33 14.93
N LEU A 193 9.83 -4.76 15.63
CA LEU A 193 9.59 -5.15 17.03
C LEU A 193 8.36 -6.06 17.21
N GLY A 194 7.93 -6.70 16.13
CA GLY A 194 6.79 -7.59 16.20
C GLY A 194 5.45 -6.90 16.09
N ASP A 195 4.97 -6.37 17.20
CA ASP A 195 3.69 -5.67 17.25
C ASP A 195 3.88 -4.20 16.83
N LYS A 196 5.13 -3.79 16.68
CA LYS A 196 5.48 -2.42 16.29
C LYS A 196 6.70 -2.43 15.38
N SER A 197 6.95 -1.30 14.71
CA SER A 197 8.11 -1.17 13.84
C SER A 197 9.27 -0.63 14.68
N GLY A 198 10.49 -0.96 14.27
CA GLY A 198 11.68 -0.50 14.97
C GLY A 198 12.39 0.59 14.18
N GLY A 199 13.65 0.84 14.51
CA GLY A 199 14.38 1.88 13.80
C GLY A 199 15.74 2.17 14.40
N MET A 200 16.60 2.82 13.62
CA MET A 200 17.94 3.14 14.08
C MET A 200 18.22 4.65 14.01
N ARG A 201 17.90 5.33 15.10
CA ARG A 201 18.09 6.78 15.22
C ARG A 201 19.51 7.23 14.88
N GLU A 202 20.50 6.40 15.22
CA GLU A 202 21.90 6.74 14.97
C GLU A 202 22.23 6.99 13.50
N PHE A 203 21.36 6.60 12.58
CA PHE A 203 21.63 6.82 11.15
C PHE A 203 20.87 8.00 10.53
N ILE A 204 19.99 8.62 11.29
CA ILE A 204 19.21 9.73 10.76
C ILE A 204 20.07 10.87 10.22
N PHE A 205 20.97 11.38 11.05
CA PHE A 205 21.81 12.50 10.67
C PHE A 205 22.72 12.23 9.47
N PRO A 206 23.48 11.11 9.50
CA PRO A 206 24.35 10.82 8.35
C PRO A 206 23.61 10.72 7.01
N LEU A 207 22.46 10.05 7.01
CA LEU A 207 21.69 9.92 5.78
C LEU A 207 21.07 11.23 5.31
N ILE A 208 20.75 12.12 6.26
CA ILE A 208 20.18 13.40 5.89
C ILE A 208 21.31 14.22 5.23
N ARG A 209 22.54 14.06 5.71
CA ARG A 209 23.66 14.79 5.10
C ARG A 209 23.87 14.31 3.67
N ALA A 210 23.68 13.01 3.47
CA ALA A 210 23.82 12.42 2.16
C ALA A 210 22.77 13.02 1.24
N ALA A 211 21.54 13.07 1.72
CA ALA A 211 20.42 13.62 0.95
C ALA A 211 20.68 15.03 0.45
N VAL A 212 21.14 15.91 1.34
CA VAL A 212 21.39 17.29 0.92
C VAL A 212 22.64 17.42 0.04
N ALA A 213 23.57 16.48 0.15
CA ALA A 213 24.79 16.53 -0.67
C ALA A 213 24.43 16.10 -2.10
N VAL A 214 23.52 15.15 -2.21
CA VAL A 214 23.05 14.65 -3.49
C VAL A 214 22.23 15.77 -4.13
N GLY A 215 21.31 16.33 -3.35
CA GLY A 215 20.46 17.42 -3.81
C GLY A 215 18.98 17.09 -3.75
N CYS A 216 18.23 17.86 -2.96
CA CYS A 216 16.79 17.69 -2.85
C CYS A 216 16.17 19.05 -2.57
N ASP A 217 14.84 19.14 -2.67
CA ASP A 217 14.16 20.40 -2.45
C ASP A 217 13.64 20.61 -1.03
N GLY A 218 13.78 19.60 -0.20
CA GLY A 218 13.32 19.72 1.17
C GLY A 218 13.58 18.46 1.97
N VAL A 219 13.40 18.55 3.29
CA VAL A 219 13.58 17.41 4.17
C VAL A 219 12.36 17.31 5.07
N PHE A 220 11.99 16.07 5.39
CA PHE A 220 10.87 15.79 6.24
C PHE A 220 11.45 15.05 7.43
N MET A 221 11.26 15.60 8.63
CA MET A 221 11.77 14.96 9.82
C MET A 221 10.87 15.19 11.02
N GLU A 222 10.42 14.08 11.60
CA GLU A 222 9.55 14.12 12.74
C GLU A 222 10.37 14.34 13.98
N THR A 223 9.85 15.16 14.88
CA THR A 223 10.56 15.47 16.13
C THR A 223 9.56 15.43 17.28
N HIS A 224 10.05 15.15 18.48
CA HIS A 224 9.19 15.04 19.65
C HIS A 224 9.98 15.41 20.91
N PRO A 225 9.34 16.08 21.88
CA PRO A 225 10.04 16.45 23.12
C PRO A 225 10.79 15.27 23.74
N GLU A 226 10.12 14.13 23.83
CA GLU A 226 10.71 12.92 24.40
C GLU A 226 10.34 11.73 23.52
N PRO A 227 11.14 11.49 22.47
CA PRO A 227 10.92 10.39 21.53
C PRO A 227 10.57 9.07 22.21
N GLU A 228 11.27 8.78 23.30
CA GLU A 228 11.07 7.56 24.07
C GLU A 228 9.63 7.36 24.52
N LYS A 229 8.88 8.44 24.68
CA LYS A 229 7.50 8.35 25.13
C LYS A 229 6.47 8.51 24.01
N ALA A 230 6.92 8.65 22.77
CA ALA A 230 6.00 8.82 21.65
C ALA A 230 5.04 7.64 21.57
N LEU A 231 3.83 7.89 21.10
CA LEU A 231 2.82 6.85 20.98
C LEU A 231 2.94 6.15 19.62
N SER A 232 3.85 6.66 18.80
CA SER A 232 4.12 6.11 17.49
C SER A 232 5.51 6.55 17.02
N ASP A 233 6.16 5.72 16.21
CA ASP A 233 7.49 6.01 15.69
C ASP A 233 8.46 6.44 16.79
N ALA A 234 8.31 5.85 17.97
CA ALA A 234 9.17 6.19 19.10
C ALA A 234 10.64 5.92 18.82
N SER A 235 10.92 5.03 17.88
CA SER A 235 12.30 4.66 17.54
C SER A 235 13.00 5.56 16.53
N THR A 236 12.24 6.32 15.74
CA THR A 236 12.85 7.18 14.72
C THR A 236 12.65 8.67 14.90
N GLN A 237 11.86 9.07 15.89
CA GLN A 237 11.63 10.50 16.08
C GLN A 237 12.80 11.21 16.75
N LEU A 238 13.17 12.35 16.19
CA LEU A 238 14.27 13.15 16.68
C LEU A 238 13.93 13.98 17.92
N PRO A 239 14.85 14.03 18.91
CA PRO A 239 14.57 14.82 20.11
C PRO A 239 14.49 16.27 19.64
N LEU A 240 13.45 16.97 20.07
CA LEU A 240 13.21 18.36 19.68
C LEU A 240 14.42 19.28 19.82
N SER A 241 15.24 19.05 20.84
CA SER A 241 16.41 19.91 21.05
C SER A 241 17.51 19.75 20.02
N GLN A 242 17.50 18.64 19.29
CA GLN A 242 18.51 18.39 18.27
C GLN A 242 18.11 18.96 16.91
N LEU A 243 16.86 19.40 16.81
CA LEU A 243 16.32 19.91 15.57
C LEU A 243 17.13 21.06 14.98
N GLU A 244 17.34 22.10 15.78
CA GLU A 244 18.09 23.26 15.34
C GLU A 244 19.45 22.94 14.74
N GLY A 245 20.22 22.11 15.43
CA GLY A 245 21.54 21.73 14.94
C GLY A 245 21.52 21.00 13.61
N ILE A 246 20.58 20.06 13.47
CA ILE A 246 20.46 19.28 12.23
C ILE A 246 20.17 20.20 11.05
N ILE A 247 19.25 21.13 11.25
CA ILE A 247 18.87 22.09 10.22
C ILE A 247 20.03 22.98 9.81
N GLU A 248 20.75 23.50 10.80
CA GLU A 248 21.89 24.36 10.50
C GLU A 248 22.88 23.58 9.63
N ALA A 249 23.17 22.36 10.06
CA ALA A 249 24.11 21.51 9.35
C ALA A 249 23.70 21.21 7.91
N ILE A 250 22.43 20.94 7.67
CA ILE A 250 22.07 20.65 6.30
C ILE A 250 22.02 21.88 5.42
N LEU A 251 21.78 23.04 6.01
CA LEU A 251 21.78 24.27 5.23
C LEU A 251 23.22 24.54 4.80
N GLU A 252 24.17 24.23 5.68
CA GLU A 252 25.59 24.41 5.38
C GLU A 252 26.07 23.44 4.30
N ILE A 253 25.70 22.16 4.40
CA ILE A 253 26.13 21.17 3.42
C ILE A 253 25.48 21.45 2.06
N ARG A 254 24.23 21.91 2.09
CA ARG A 254 23.49 22.27 0.89
C ARG A 254 24.20 23.41 0.15
N GLU A 255 24.53 24.45 0.89
CA GLU A 255 25.20 25.60 0.31
C GLU A 255 26.48 25.21 -0.42
N VAL A 256 27.37 24.51 0.28
CA VAL A 256 28.64 24.12 -0.33
C VAL A 256 28.48 23.11 -1.48
N ALA A 257 27.47 22.26 -1.40
CA ALA A 257 27.25 21.27 -2.45
C ALA A 257 26.49 21.82 -3.66
N SER A 258 25.56 22.73 -3.39
CA SER A 258 24.69 23.34 -4.40
C SER A 258 25.29 23.66 -5.75
N LYS A 259 26.49 24.22 -5.78
CA LYS A 259 27.11 24.58 -7.04
C LYS A 259 27.39 23.35 -7.92
N TYR A 260 27.31 22.17 -7.31
CA TYR A 260 27.57 20.93 -8.05
C TYR A 260 26.33 20.14 -8.40
N TYR A 261 25.16 20.62 -7.97
CA TYR A 261 23.92 19.91 -8.26
C TYR A 261 23.75 19.88 -9.77
N GLU A 262 23.41 18.73 -10.33
CA GLU A 262 23.22 18.61 -11.78
C GLU A 262 21.92 19.23 -12.30
N THR A 263 21.92 19.61 -13.57
CA THR A 263 20.74 20.19 -14.18
C THR A 263 19.94 19.04 -14.79
N ILE A 264 18.64 18.97 -14.50
CA ILE A 264 17.80 17.90 -15.01
C ILE A 264 17.11 18.22 -16.35
N LYS B 3 -12.55 -28.41 1.84
CA LYS B 3 -11.74 -29.00 0.72
C LYS B 3 -10.86 -27.94 0.04
N PHE B 4 -10.01 -28.38 -0.88
CA PHE B 4 -9.10 -27.48 -1.60
C PHE B 4 -9.85 -26.36 -2.33
N LEU B 5 -9.37 -25.14 -2.09
CA LEU B 5 -9.98 -23.96 -2.67
C LEU B 5 -9.33 -23.52 -3.99
N VAL B 6 -10.17 -23.18 -4.95
CA VAL B 6 -9.70 -22.71 -6.24
C VAL B 6 -10.44 -21.42 -6.57
N ILE B 7 -9.75 -20.30 -6.44
CA ILE B 7 -10.34 -19.01 -6.74
C ILE B 7 -9.92 -18.68 -8.15
N ALA B 8 -10.89 -18.47 -9.03
CA ALA B 8 -10.56 -18.18 -10.41
C ALA B 8 -11.58 -17.30 -11.11
N GLY B 9 -11.14 -16.62 -12.16
CA GLY B 9 -12.02 -15.74 -12.91
C GLY B 9 -11.23 -14.67 -13.63
N PRO B 10 -11.89 -13.78 -14.39
CA PRO B 10 -11.20 -12.71 -15.10
C PRO B 10 -10.75 -11.62 -14.12
N ASN B 11 -9.56 -11.06 -14.35
CA ASN B 11 -9.04 -10.03 -13.46
C ASN B 11 -10.05 -8.92 -13.18
N ALA B 12 -10.52 -8.29 -14.24
CA ALA B 12 -11.48 -7.19 -14.13
C ALA B 12 -12.84 -7.55 -14.76
N ILE B 13 -13.89 -6.92 -14.29
CA ILE B 13 -15.22 -7.15 -14.84
C ILE B 13 -15.30 -6.26 -16.08
N GLU B 14 -14.72 -6.74 -17.18
CA GLU B 14 -14.70 -5.99 -18.44
C GLU B 14 -16.10 -5.84 -19.02
N SER B 15 -16.99 -6.74 -18.62
CA SER B 15 -18.38 -6.74 -19.06
C SER B 15 -19.01 -7.98 -18.44
N GLU B 16 -20.30 -7.91 -18.09
CA GLU B 16 -20.92 -9.07 -17.48
C GLU B 16 -21.03 -10.20 -18.49
N GLU B 17 -20.79 -9.88 -19.75
CA GLU B 17 -20.82 -10.89 -20.80
C GLU B 17 -19.61 -11.79 -20.61
N LEU B 18 -18.44 -11.18 -20.47
CA LEU B 18 -17.20 -11.91 -20.26
C LEU B 18 -17.31 -12.76 -19.01
N LEU B 19 -17.91 -12.21 -17.95
CA LEU B 19 -18.06 -12.95 -16.70
C LEU B 19 -18.88 -14.22 -16.85
N LEU B 20 -19.89 -14.19 -17.71
CA LEU B 20 -20.74 -15.35 -17.91
C LEU B 20 -20.04 -16.43 -18.71
N LYS B 21 -19.13 -16.03 -19.57
CA LYS B 21 -18.39 -17.00 -20.37
C LYS B 21 -17.43 -17.76 -19.45
N VAL B 22 -16.63 -17.01 -18.71
CA VAL B 22 -15.67 -17.61 -17.80
C VAL B 22 -16.43 -18.40 -16.73
N GLY B 23 -17.54 -17.83 -16.27
CA GLY B 23 -18.34 -18.48 -15.25
C GLY B 23 -18.86 -19.83 -15.70
N GLU B 24 -19.15 -19.93 -16.99
CA GLU B 24 -19.65 -21.17 -17.56
C GLU B 24 -18.60 -22.28 -17.49
N GLU B 25 -17.37 -21.94 -17.87
CA GLU B 25 -16.27 -22.90 -17.85
C GLU B 25 -15.96 -23.31 -16.41
N ILE B 26 -16.01 -22.35 -15.50
CA ILE B 26 -15.72 -22.64 -14.10
C ILE B 26 -16.80 -23.52 -13.49
N LYS B 27 -18.03 -23.34 -13.94
CA LYS B 27 -19.14 -24.15 -13.44
C LYS B 27 -18.92 -25.60 -13.87
N ARG B 28 -18.47 -25.76 -15.12
CA ARG B 28 -18.20 -27.08 -15.68
C ARG B 28 -17.11 -27.79 -14.89
N LEU B 29 -16.02 -27.07 -14.58
CA LEU B 29 -14.92 -27.65 -13.83
C LEU B 29 -15.43 -28.00 -12.43
N SER B 30 -16.33 -27.16 -11.94
CA SER B 30 -16.92 -27.35 -10.62
C SER B 30 -17.66 -28.68 -10.56
N GLU B 31 -18.34 -29.03 -11.64
CA GLU B 31 -19.10 -30.27 -11.70
C GLU B 31 -18.17 -31.45 -11.88
N LYS B 32 -17.02 -31.21 -12.50
CA LYS B 32 -16.04 -32.24 -12.78
C LYS B 32 -15.11 -32.53 -11.60
N PHE B 33 -14.82 -31.53 -10.79
CA PHE B 33 -13.93 -31.68 -9.64
C PHE B 33 -14.66 -31.41 -8.33
N LYS B 34 -15.48 -32.35 -7.89
CA LYS B 34 -16.24 -32.20 -6.65
C LYS B 34 -15.36 -32.10 -5.39
N GLU B 35 -14.10 -32.50 -5.52
CA GLU B 35 -13.16 -32.47 -4.41
C GLU B 35 -12.66 -31.04 -4.18
N VAL B 36 -13.02 -30.16 -5.10
CA VAL B 36 -12.58 -28.79 -5.06
C VAL B 36 -13.69 -27.78 -4.86
N GLU B 37 -13.42 -26.74 -4.10
CA GLU B 37 -14.39 -25.67 -3.90
C GLU B 37 -13.99 -24.49 -4.77
N PHE B 38 -14.76 -24.24 -5.82
CA PHE B 38 -14.51 -23.13 -6.72
C PHE B 38 -15.18 -21.84 -6.24
N VAL B 39 -14.48 -20.72 -6.43
CA VAL B 39 -14.99 -19.41 -6.06
C VAL B 39 -14.69 -18.49 -7.24
N PHE B 40 -15.72 -17.89 -7.81
CA PHE B 40 -15.55 -16.98 -8.94
C PHE B 40 -15.04 -15.62 -8.48
N LYS B 41 -13.96 -15.16 -9.09
CA LYS B 41 -13.37 -13.86 -8.74
C LYS B 41 -13.26 -12.90 -9.91
N SER B 42 -13.52 -11.64 -9.63
CA SER B 42 -13.40 -10.57 -10.61
C SER B 42 -13.54 -9.21 -9.92
N SER B 43 -12.73 -8.25 -10.36
CA SER B 43 -12.72 -6.92 -9.77
C SER B 43 -13.67 -5.93 -10.44
N PHE B 44 -14.50 -5.28 -9.64
CA PHE B 44 -15.44 -4.30 -10.18
C PHE B 44 -14.69 -3.00 -10.46
N ASP B 45 -13.46 -2.91 -9.96
CA ASP B 45 -12.66 -1.70 -10.17
C ASP B 45 -11.18 -1.94 -9.91
N LYS B 46 -10.34 -1.50 -10.84
CA LYS B 46 -8.89 -1.61 -10.67
C LYS B 46 -8.53 -0.23 -10.13
N ALA B 47 -8.46 -0.14 -8.80
CA ALA B 47 -8.19 1.11 -8.10
C ALA B 47 -6.72 1.52 -8.01
N ASN B 48 -5.81 0.66 -8.42
CA ASN B 48 -4.39 0.96 -8.32
C ASN B 48 -3.61 0.86 -9.62
N ARG B 49 -4.22 1.18 -10.76
CA ARG B 49 -3.49 1.10 -12.03
C ARG B 49 -2.31 2.07 -11.98
N SER B 50 -1.24 1.77 -12.70
CA SER B 50 -0.08 2.66 -12.72
C SER B 50 -0.44 3.96 -13.43
N SER B 51 -1.16 3.83 -14.54
CA SER B 51 -1.57 4.97 -15.34
C SER B 51 -3.02 5.39 -15.17
N ILE B 52 -3.21 6.70 -15.17
CA ILE B 52 -4.52 7.33 -15.03
C ILE B 52 -5.34 7.02 -16.29
N HIS B 53 -4.64 6.69 -17.38
CA HIS B 53 -5.29 6.41 -18.66
C HIS B 53 -5.64 4.94 -18.89
N SER B 54 -5.42 4.11 -17.89
CA SER B 54 -5.72 2.69 -18.01
C SER B 54 -7.14 2.35 -17.58
N PHE B 55 -7.57 1.14 -17.92
CA PHE B 55 -8.90 0.66 -17.60
C PHE B 55 -9.11 0.43 -16.10
N ARG B 56 -10.22 0.91 -15.58
CA ARG B 56 -10.52 0.71 -14.16
C ARG B 56 -11.72 -0.20 -14.00
N GLY B 57 -12.80 0.08 -14.72
CA GLY B 57 -14.00 -0.73 -14.61
C GLY B 57 -15.27 0.04 -14.89
N HIS B 58 -16.42 -0.58 -14.63
CA HIS B 58 -17.71 0.05 -14.87
C HIS B 58 -18.43 0.48 -13.61
N GLY B 59 -17.72 0.46 -12.49
CA GLY B 59 -18.33 0.89 -11.25
C GLY B 59 -18.76 -0.25 -10.34
N LEU B 60 -18.99 0.11 -9.09
CA LEU B 60 -19.40 -0.85 -8.09
C LEU B 60 -20.82 -1.39 -8.30
N GLU B 61 -21.71 -0.55 -8.80
CA GLU B 61 -23.10 -0.97 -9.04
C GLU B 61 -23.17 -2.01 -10.15
N TYR B 62 -22.61 -1.68 -11.30
CA TYR B 62 -22.60 -2.58 -12.45
C TYR B 62 -21.86 -3.86 -12.14
N GLY B 63 -20.80 -3.77 -11.33
CA GLY B 63 -20.01 -4.93 -10.98
C GLY B 63 -20.71 -5.90 -10.05
N VAL B 64 -21.34 -5.36 -9.00
CA VAL B 64 -22.04 -6.20 -8.05
C VAL B 64 -23.21 -6.87 -8.74
N LYS B 65 -23.80 -6.17 -9.70
CA LYS B 65 -24.93 -6.69 -10.47
C LYS B 65 -24.47 -7.88 -11.31
N ALA B 66 -23.37 -7.70 -12.05
CA ALA B 66 -22.83 -8.75 -12.89
C ALA B 66 -22.40 -9.97 -12.09
N LEU B 67 -21.79 -9.76 -10.93
CA LEU B 67 -21.36 -10.87 -10.09
C LEU B 67 -22.55 -11.70 -9.62
N ARG B 68 -23.61 -11.02 -9.20
CA ARG B 68 -24.82 -11.66 -8.73
C ARG B 68 -25.41 -12.53 -9.85
N LYS B 69 -25.30 -12.04 -11.08
CA LYS B 69 -25.80 -12.78 -12.23
C LYS B 69 -25.04 -14.12 -12.31
N VAL B 70 -23.73 -14.06 -12.08
CA VAL B 70 -22.90 -15.27 -12.11
C VAL B 70 -23.31 -16.20 -10.97
N LYS B 71 -23.52 -15.62 -9.80
CA LYS B 71 -23.91 -16.39 -8.62
C LYS B 71 -25.27 -17.08 -8.74
N GLU B 72 -26.21 -16.42 -9.41
CA GLU B 72 -27.55 -16.97 -9.57
C GLU B 72 -27.60 -17.93 -10.76
N GLU B 73 -26.98 -17.53 -11.86
CA GLU B 73 -26.97 -18.35 -13.06
C GLU B 73 -26.15 -19.63 -12.93
N PHE B 74 -25.05 -19.59 -12.17
CA PHE B 74 -24.20 -20.77 -12.02
C PHE B 74 -24.10 -21.30 -10.59
N GLY B 75 -24.67 -20.57 -9.64
CA GLY B 75 -24.60 -21.01 -8.26
C GLY B 75 -23.19 -21.14 -7.75
N LEU B 76 -22.31 -20.24 -8.18
CA LEU B 76 -20.92 -20.24 -7.75
C LEU B 76 -20.71 -19.18 -6.67
N LYS B 77 -19.92 -19.51 -5.65
CA LYS B 77 -19.64 -18.54 -4.60
C LYS B 77 -18.89 -17.39 -5.26
N ILE B 78 -18.92 -16.21 -4.65
CA ILE B 78 -18.27 -15.04 -5.22
C ILE B 78 -17.22 -14.36 -4.32
N THR B 79 -16.28 -13.68 -4.97
CA THR B 79 -15.25 -12.92 -4.27
C THR B 79 -14.74 -11.79 -5.13
N THR B 80 -14.70 -10.59 -4.56
CA THR B 80 -14.19 -9.42 -5.27
C THR B 80 -13.49 -8.58 -4.22
N ASP B 81 -12.64 -7.65 -4.63
CA ASP B 81 -11.91 -6.81 -3.69
C ASP B 81 -12.50 -5.43 -3.46
N ILE B 82 -12.37 -4.91 -2.23
CA ILE B 82 -12.87 -3.58 -1.91
C ILE B 82 -11.67 -2.65 -1.78
N HIS B 83 -11.90 -1.35 -1.88
CA HIS B 83 -10.80 -0.40 -1.82
C HIS B 83 -10.93 0.71 -0.78
N GLU B 84 -12.13 0.92 -0.30
CA GLU B 84 -12.37 1.90 0.75
C GLU B 84 -13.44 1.31 1.64
N SER B 85 -13.44 1.71 2.91
CA SER B 85 -14.36 1.19 3.91
C SER B 85 -15.83 1.12 3.56
N TRP B 86 -16.35 2.12 2.86
CA TRP B 86 -17.76 2.15 2.52
C TRP B 86 -18.23 1.02 1.60
N GLN B 87 -17.33 0.50 0.77
CA GLN B 87 -17.69 -0.54 -0.18
C GLN B 87 -17.95 -1.93 0.41
N ALA B 88 -17.46 -2.18 1.62
CA ALA B 88 -17.63 -3.48 2.25
C ALA B 88 -19.08 -3.95 2.32
N GLU B 89 -19.96 -3.15 2.91
CA GLU B 89 -21.37 -3.52 3.06
C GLU B 89 -22.07 -3.89 1.75
N PRO B 90 -22.06 -2.99 0.76
CA PRO B 90 -22.73 -3.35 -0.50
C PRO B 90 -22.15 -4.59 -1.18
N VAL B 91 -20.83 -4.72 -1.17
CA VAL B 91 -20.16 -5.87 -1.77
C VAL B 91 -20.50 -7.18 -1.06
N ALA B 92 -20.71 -7.12 0.24
CA ALA B 92 -21.05 -8.30 1.03
C ALA B 92 -22.38 -8.91 0.58
N GLU B 93 -23.24 -8.08 -0.01
CA GLU B 93 -24.54 -8.56 -0.49
C GLU B 93 -24.34 -9.76 -1.43
N VAL B 94 -23.27 -9.69 -2.23
CA VAL B 94 -22.99 -10.75 -3.19
C VAL B 94 -21.74 -11.57 -2.87
N ALA B 95 -20.68 -10.91 -2.43
CA ALA B 95 -19.42 -11.58 -2.15
C ALA B 95 -19.42 -12.51 -0.93
N ASP B 96 -19.04 -13.76 -1.16
CA ASP B 96 -18.94 -14.75 -0.10
C ASP B 96 -17.62 -14.50 0.62
N ILE B 97 -16.63 -14.07 -0.15
CA ILE B 97 -15.31 -13.76 0.38
C ILE B 97 -14.93 -12.36 -0.07
N ILE B 98 -14.56 -11.51 0.87
CA ILE B 98 -14.15 -10.13 0.56
C ILE B 98 -12.63 -10.09 0.49
N GLN B 99 -12.12 -9.55 -0.61
CA GLN B 99 -10.69 -9.48 -0.84
C GLN B 99 -10.10 -8.11 -0.51
N ILE B 100 -8.99 -8.13 0.22
CA ILE B 100 -8.26 -6.94 0.63
C ILE B 100 -7.00 -6.84 -0.25
N PRO B 101 -6.87 -5.78 -1.04
CA PRO B 101 -5.72 -5.58 -1.93
C PRO B 101 -4.40 -5.58 -1.19
N ALA B 102 -3.35 -6.06 -1.84
CA ALA B 102 -2.01 -6.14 -1.25
C ALA B 102 -1.50 -4.81 -0.69
N PHE B 103 -1.56 -3.74 -1.48
CA PHE B 103 -1.10 -2.44 -1.01
C PHE B 103 -1.89 -1.95 0.19
N LEU B 104 -3.10 -2.48 0.36
CA LEU B 104 -3.98 -2.04 1.46
C LEU B 104 -4.04 -2.99 2.64
N CYS B 105 -3.20 -4.03 2.66
CA CYS B 105 -3.24 -5.00 3.76
C CYS B 105 -3.03 -4.50 5.18
N ARG B 106 -2.53 -3.28 5.35
CA ARG B 106 -2.34 -2.75 6.71
C ARG B 106 -3.36 -1.66 7.04
N GLN B 107 -4.29 -1.38 6.13
CA GLN B 107 -5.28 -0.34 6.40
C GLN B 107 -6.37 -0.89 7.32
N THR B 108 -6.17 -0.69 8.61
CA THR B 108 -7.10 -1.15 9.63
C THR B 108 -8.60 -1.01 9.34
N ASP B 109 -9.06 0.18 9.01
CA ASP B 109 -10.48 0.39 8.75
C ASP B 109 -11.05 -0.49 7.64
N LEU B 110 -10.27 -0.68 6.58
CA LEU B 110 -10.72 -1.51 5.46
C LEU B 110 -10.90 -2.94 5.98
N LEU B 111 -9.91 -3.42 6.74
CA LEU B 111 -9.98 -4.76 7.31
C LEU B 111 -11.18 -4.91 8.23
N LEU B 112 -11.36 -3.95 9.12
CA LEU B 112 -12.50 -3.98 10.05
C LEU B 112 -13.84 -3.90 9.32
N ALA B 113 -13.92 -3.06 8.30
CA ALA B 113 -15.14 -2.93 7.53
C ALA B 113 -15.52 -4.29 6.95
N ALA B 114 -14.54 -4.96 6.35
CA ALA B 114 -14.76 -6.28 5.75
C ALA B 114 -15.19 -7.28 6.81
N ALA B 115 -14.45 -7.31 7.92
CA ALA B 115 -14.74 -8.22 9.01
C ALA B 115 -16.18 -8.08 9.50
N LYS B 116 -16.63 -6.82 9.63
CA LYS B 116 -17.97 -6.53 10.11
C LYS B 116 -19.10 -7.14 9.26
N THR B 117 -18.90 -7.19 7.95
CA THR B 117 -19.93 -7.75 7.05
C THR B 117 -20.31 -9.19 7.39
N GLY B 118 -19.50 -9.85 8.21
CA GLY B 118 -19.77 -11.22 8.59
C GLY B 118 -19.27 -12.22 7.54
N ARG B 119 -18.82 -11.70 6.40
CA ARG B 119 -18.30 -12.55 5.33
C ARG B 119 -16.90 -13.03 5.65
N ALA B 120 -16.39 -13.93 4.81
CA ALA B 120 -15.03 -14.42 4.98
C ALA B 120 -14.12 -13.35 4.37
N VAL B 121 -12.90 -13.22 4.90
CA VAL B 121 -11.99 -12.22 4.37
C VAL B 121 -10.66 -12.84 3.92
N ASN B 122 -10.22 -12.44 2.74
CA ASN B 122 -8.97 -12.94 2.17
C ASN B 122 -8.05 -11.74 1.94
N VAL B 123 -6.91 -11.73 2.61
CA VAL B 123 -5.98 -10.61 2.48
C VAL B 123 -4.76 -10.93 1.61
N LYS B 124 -4.52 -10.09 0.61
CA LYS B 124 -3.36 -10.26 -0.24
C LYS B 124 -2.18 -9.76 0.59
N LYS B 125 -1.17 -10.59 0.81
CA LYS B 125 -0.03 -10.15 1.61
C LYS B 125 0.75 -9.07 0.87
N GLY B 126 0.90 -7.91 1.50
CA GLY B 126 1.63 -6.81 0.88
C GLY B 126 3.00 -7.23 0.42
N GLN B 127 3.44 -6.65 -0.71
CA GLN B 127 4.75 -6.98 -1.25
C GLN B 127 5.87 -6.48 -0.32
N PHE B 128 5.49 -5.61 0.61
CA PHE B 128 6.42 -5.00 1.56
C PHE B 128 6.40 -5.71 2.90
N LEU B 129 5.53 -6.71 3.03
CA LEU B 129 5.36 -7.47 4.27
C LEU B 129 6.19 -8.75 4.41
N ALA B 130 6.61 -9.04 5.64
CA ALA B 130 7.37 -10.26 5.92
C ALA B 130 6.31 -11.29 6.32
N PRO B 131 6.54 -12.58 6.03
CA PRO B 131 5.58 -13.64 6.36
C PRO B 131 5.07 -13.52 7.79
N TRP B 132 5.99 -13.38 8.73
CA TRP B 132 5.62 -13.26 10.15
C TRP B 132 4.82 -12.01 10.46
N ASP B 133 4.94 -10.97 9.65
CA ASP B 133 4.20 -9.73 9.89
C ASP B 133 2.69 -9.94 9.66
N THR B 134 2.30 -11.05 9.01
CA THR B 134 0.89 -11.29 8.73
C THR B 134 0.12 -11.67 9.98
N LYS B 135 0.82 -12.04 11.04
CA LYS B 135 0.15 -12.44 12.27
C LYS B 135 -0.74 -11.30 12.76
N ASN B 136 -0.23 -10.07 12.68
CA ASN B 136 -0.95 -8.88 13.10
C ASN B 136 -2.17 -8.60 12.23
N VAL B 137 -2.07 -8.93 10.95
CA VAL B 137 -3.17 -8.73 10.03
C VAL B 137 -4.35 -9.59 10.48
N VAL B 138 -4.08 -10.88 10.72
CA VAL B 138 -5.09 -11.82 11.16
C VAL B 138 -5.74 -11.35 12.46
N GLU B 139 -4.92 -10.88 13.39
CA GLU B 139 -5.44 -10.39 14.66
C GLU B 139 -6.42 -9.24 14.51
N LYS B 140 -6.17 -8.33 13.56
CA LYS B 140 -7.09 -7.22 13.34
C LYS B 140 -8.46 -7.74 12.94
N LEU B 141 -8.46 -8.70 12.01
CA LEU B 141 -9.68 -9.29 11.51
C LEU B 141 -10.45 -10.01 12.61
N LYS B 142 -9.75 -10.83 13.40
CA LYS B 142 -10.41 -11.53 14.49
C LYS B 142 -11.04 -10.48 15.40
N PHE B 143 -10.28 -9.43 15.70
CA PHE B 143 -10.78 -8.35 16.53
C PHE B 143 -12.09 -7.82 15.97
N GLY B 144 -12.14 -7.68 14.65
CA GLY B 144 -13.32 -7.20 13.98
C GLY B 144 -14.43 -8.20 13.78
N GLY B 145 -14.26 -9.42 14.29
CA GLY B 145 -15.31 -10.42 14.16
C GLY B 145 -15.26 -11.38 12.98
N ALA B 146 -14.15 -11.37 12.26
CA ALA B 146 -14.00 -12.28 11.13
C ALA B 146 -13.71 -13.66 11.69
N LYS B 147 -14.28 -14.70 11.08
CA LYS B 147 -14.05 -16.05 11.56
C LYS B 147 -13.41 -16.95 10.49
N GLU B 148 -13.60 -16.58 9.23
CA GLU B 148 -13.03 -17.33 8.12
C GLU B 148 -12.02 -16.38 7.50
N ILE B 149 -10.75 -16.55 7.85
CA ILE B 149 -9.68 -15.68 7.38
C ILE B 149 -8.65 -16.37 6.49
N TYR B 150 -8.32 -15.74 5.36
CA TYR B 150 -7.32 -16.28 4.44
C TYR B 150 -6.21 -15.27 4.20
N LEU B 151 -5.01 -15.77 3.94
CA LEU B 151 -3.83 -14.95 3.62
C LEU B 151 -3.31 -15.45 2.29
N THR B 152 -3.16 -14.55 1.32
CA THR B 152 -2.71 -14.94 -0.01
C THR B 152 -1.28 -14.52 -0.36
N GLU B 153 -0.48 -15.49 -0.78
CA GLU B 153 0.90 -15.22 -1.18
C GLU B 153 0.84 -14.71 -2.61
N ARG B 154 1.41 -13.53 -2.86
CA ARG B 154 1.40 -12.97 -4.22
C ARG B 154 2.71 -12.31 -4.63
N GLY B 155 3.79 -12.70 -3.97
CA GLY B 155 5.09 -12.15 -4.32
C GLY B 155 5.62 -11.10 -3.36
N THR B 156 6.94 -10.94 -3.36
CA THR B 156 7.58 -9.95 -2.50
C THR B 156 8.54 -9.08 -3.28
N THR B 157 8.58 -7.80 -2.92
CA THR B 157 9.47 -6.83 -3.58
C THR B 157 10.90 -7.37 -3.60
N PHE B 158 11.46 -7.51 -4.79
CA PHE B 158 12.81 -8.03 -4.97
C PHE B 158 13.52 -7.10 -5.96
N GLY B 159 14.10 -6.04 -5.42
CA GLY B 159 14.76 -5.08 -6.27
C GLY B 159 13.65 -4.29 -6.93
N TYR B 160 13.92 -3.72 -8.10
CA TYR B 160 12.93 -2.94 -8.79
C TYR B 160 12.17 -3.70 -9.87
N ASN B 161 10.88 -3.42 -9.99
CA ASN B 161 10.03 -4.02 -11.01
C ASN B 161 10.10 -5.54 -11.04
N ASN B 162 10.31 -6.15 -9.89
CA ASN B 162 10.39 -7.60 -9.83
C ASN B 162 9.87 -8.11 -8.51
N LEU B 163 9.29 -9.30 -8.56
CA LEU B 163 8.74 -9.95 -7.37
C LEU B 163 9.36 -11.35 -7.32
N VAL B 164 9.55 -11.86 -6.11
CA VAL B 164 10.08 -13.19 -5.93
C VAL B 164 9.09 -13.88 -4.99
N VAL B 165 8.92 -15.19 -5.13
CA VAL B 165 8.02 -15.90 -4.23
C VAL B 165 8.86 -16.69 -3.25
N ASP B 166 8.84 -16.27 -2.00
CA ASP B 166 9.58 -16.96 -0.95
C ASP B 166 8.60 -18.00 -0.44
N PHE B 167 8.75 -19.25 -0.88
CA PHE B 167 7.82 -20.29 -0.46
C PHE B 167 7.87 -20.63 1.02
N ARG B 168 8.86 -20.10 1.72
CA ARG B 168 8.95 -20.31 3.17
C ARG B 168 7.70 -19.69 3.82
N SER B 169 7.11 -18.70 3.16
CA SER B 169 5.93 -18.03 3.71
C SER B 169 4.70 -18.93 3.87
N LEU B 170 4.53 -19.90 2.98
CA LEU B 170 3.37 -20.79 3.08
C LEU B 170 3.29 -21.46 4.44
N PRO B 171 4.35 -22.15 4.88
CA PRO B 171 4.21 -22.76 6.19
C PRO B 171 4.15 -21.73 7.33
N ILE B 172 4.85 -20.62 7.17
CA ILE B 172 4.86 -19.60 8.21
C ILE B 172 3.48 -18.98 8.43
N MET B 173 2.80 -18.57 7.35
CA MET B 173 1.49 -17.96 7.48
C MET B 173 0.43 -18.96 7.94
N LYS B 174 0.62 -20.23 7.59
CA LYS B 174 -0.31 -21.28 7.96
C LYS B 174 -0.50 -21.40 9.48
N GLN B 175 0.43 -20.83 10.25
CA GLN B 175 0.33 -20.89 11.72
C GLN B 175 -0.86 -20.11 12.24
N TRP B 176 -1.35 -19.13 11.47
CA TRP B 176 -2.47 -18.32 11.93
C TRP B 176 -3.63 -18.11 10.97
N ALA B 177 -3.55 -18.69 9.79
CA ALA B 177 -4.63 -18.55 8.82
C ALA B 177 -4.51 -19.54 7.68
N LYS B 178 -5.60 -19.72 6.93
CA LYS B 178 -5.57 -20.61 5.79
C LYS B 178 -4.78 -19.85 4.74
N VAL B 179 -3.97 -20.56 3.97
CA VAL B 179 -3.14 -19.91 2.97
C VAL B 179 -3.51 -20.22 1.52
N ILE B 180 -3.60 -19.17 0.73
CA ILE B 180 -3.92 -19.25 -0.70
C ILE B 180 -2.71 -18.74 -1.49
N TYR B 181 -2.40 -19.41 -2.60
CA TYR B 181 -1.28 -18.96 -3.45
C TYR B 181 -1.83 -18.31 -4.71
N ASP B 182 -1.45 -17.06 -4.96
CA ASP B 182 -1.88 -16.31 -6.14
C ASP B 182 -0.85 -16.62 -7.23
N ALA B 183 -1.21 -17.52 -8.15
CA ALA B 183 -0.31 -17.93 -9.22
C ALA B 183 -0.17 -16.92 -10.34
N THR B 184 -1.08 -15.95 -10.37
CA THR B 184 -1.09 -14.95 -11.41
C THR B 184 -0.28 -13.70 -11.13
N HIS B 185 -0.49 -13.07 -9.98
CA HIS B 185 0.24 -11.85 -9.66
C HIS B 185 1.67 -12.10 -9.20
N SER B 186 1.95 -13.33 -8.78
CA SER B 186 3.28 -13.68 -8.29
C SER B 186 4.36 -13.61 -9.38
N VAL B 187 3.95 -13.69 -10.64
CA VAL B 187 4.93 -13.65 -11.72
C VAL B 187 4.90 -12.33 -12.50
N GLN B 188 4.04 -11.40 -12.11
CA GLN B 188 4.00 -10.13 -12.83
C GLN B 188 5.20 -9.24 -12.45
N LEU B 189 5.53 -8.33 -13.36
CA LEU B 189 6.64 -7.40 -13.15
C LEU B 189 6.05 -6.01 -12.95
N PRO B 190 5.88 -5.57 -11.69
CA PRO B 190 5.32 -4.28 -11.31
C PRO B 190 5.78 -3.12 -12.20
N GLY B 191 4.82 -2.44 -12.82
CA GLY B 191 5.13 -1.31 -13.69
C GLY B 191 6.20 -1.61 -14.74
N GLY B 192 6.36 -2.89 -15.07
CA GLY B 192 7.36 -3.29 -16.04
C GLY B 192 7.27 -2.69 -17.43
N LEU B 193 6.04 -2.48 -17.92
CA LEU B 193 5.85 -1.91 -19.25
C LEU B 193 5.71 -0.39 -19.26
N GLY B 194 6.17 0.27 -18.20
CA GLY B 194 6.07 1.71 -18.14
C GLY B 194 4.69 2.17 -17.69
N ASP B 195 3.72 2.15 -18.60
CA ASP B 195 2.35 2.56 -18.30
C ASP B 195 1.53 1.38 -17.75
N LYS B 196 2.16 0.22 -17.65
CA LYS B 196 1.51 -0.99 -17.16
C LYS B 196 2.53 -1.96 -16.54
N SER B 197 2.03 -3.01 -15.88
CA SER B 197 2.90 -4.02 -15.28
C SER B 197 3.11 -5.15 -16.29
N GLY B 198 4.24 -5.83 -16.16
CA GLY B 198 4.55 -6.93 -17.06
C GLY B 198 4.25 -8.28 -16.42
N GLY B 199 5.11 -9.26 -16.67
CA GLY B 199 4.92 -10.57 -16.10
C GLY B 199 5.34 -11.61 -17.11
N MET B 200 5.59 -12.83 -16.65
CA MET B 200 6.00 -13.91 -17.54
C MET B 200 5.09 -15.11 -17.33
N ARG B 201 4.15 -15.28 -18.25
CA ARG B 201 3.18 -16.38 -18.17
C ARG B 201 3.84 -17.76 -18.07
N GLU B 202 5.00 -17.92 -18.70
CA GLU B 202 5.72 -19.19 -18.70
C GLU B 202 6.07 -19.74 -17.30
N PHE B 203 5.98 -18.90 -16.26
CA PHE B 203 6.33 -19.37 -14.93
C PHE B 203 5.15 -19.66 -14.05
N ILE B 204 3.94 -19.32 -14.52
CA ILE B 204 2.73 -19.53 -13.74
C ILE B 204 2.53 -20.98 -13.30
N PHE B 205 2.52 -21.92 -14.25
CA PHE B 205 2.33 -23.33 -13.95
C PHE B 205 3.43 -23.91 -13.06
N PRO B 206 4.70 -23.65 -13.40
CA PRO B 206 5.80 -24.18 -12.57
C PRO B 206 5.69 -23.76 -11.10
N LEU B 207 5.42 -22.48 -10.85
CA LEU B 207 5.31 -22.01 -9.48
C LEU B 207 4.05 -22.49 -8.79
N ILE B 208 2.99 -22.74 -9.56
CA ILE B 208 1.77 -23.22 -8.96
C ILE B 208 2.04 -24.66 -8.49
N ARG B 209 2.80 -25.43 -9.28
CA ARG B 209 3.11 -26.81 -8.89
C ARG B 209 3.92 -26.76 -7.59
N ALA B 210 4.82 -25.80 -7.49
CA ALA B 210 5.62 -25.67 -6.28
C ALA B 210 4.74 -25.37 -5.07
N ALA B 211 3.74 -24.51 -5.26
CA ALA B 211 2.86 -24.13 -4.16
C ALA B 211 2.14 -25.31 -3.54
N VAL B 212 1.62 -26.21 -4.36
CA VAL B 212 0.93 -27.38 -3.85
C VAL B 212 1.89 -28.43 -3.31
N ALA B 213 3.12 -28.47 -3.86
CA ALA B 213 4.10 -29.43 -3.39
C ALA B 213 4.52 -29.02 -1.98
N VAL B 214 4.57 -27.71 -1.73
CA VAL B 214 4.93 -27.19 -0.42
C VAL B 214 3.75 -27.36 0.53
N GLY B 215 2.57 -26.99 0.05
CA GLY B 215 1.38 -27.11 0.87
C GLY B 215 0.65 -25.79 1.11
N CYS B 216 -0.57 -25.70 0.56
CA CYS B 216 -1.39 -24.51 0.72
C CYS B 216 -2.85 -24.97 0.72
N ASP B 217 -3.74 -24.11 1.23
CA ASP B 217 -5.16 -24.45 1.31
C ASP B 217 -5.92 -24.11 0.06
N GLY B 218 -5.26 -23.41 -0.85
CA GLY B 218 -5.94 -23.06 -2.08
C GLY B 218 -5.06 -22.30 -3.04
N VAL B 219 -5.56 -22.16 -4.26
CA VAL B 219 -4.83 -21.43 -5.28
C VAL B 219 -5.78 -20.39 -5.86
N PHE B 220 -5.20 -19.25 -6.23
CA PHE B 220 -5.91 -18.13 -6.81
C PHE B 220 -5.31 -18.01 -8.21
N MET B 221 -6.16 -18.00 -9.22
CA MET B 221 -5.68 -17.97 -10.59
C MET B 221 -6.64 -17.25 -11.53
N GLU B 222 -6.15 -16.17 -12.14
CA GLU B 222 -6.98 -15.39 -13.05
C GLU B 222 -6.92 -15.96 -14.46
N THR B 223 -8.08 -16.05 -15.11
CA THR B 223 -8.18 -16.60 -16.46
C THR B 223 -9.07 -15.76 -17.36
N HIS B 224 -8.79 -15.80 -18.66
CA HIS B 224 -9.53 -15.00 -19.65
C HIS B 224 -9.53 -15.71 -21.01
N PRO B 225 -10.68 -15.73 -21.70
CA PRO B 225 -10.80 -16.38 -23.01
C PRO B 225 -9.67 -15.99 -23.96
N GLU B 226 -9.33 -14.70 -23.97
CA GLU B 226 -8.27 -14.20 -24.83
C GLU B 226 -7.44 -13.21 -24.03
N PRO B 227 -6.53 -13.71 -23.18
CA PRO B 227 -5.66 -12.88 -22.34
C PRO B 227 -5.08 -11.68 -23.06
N GLU B 228 -4.57 -11.90 -24.27
CA GLU B 228 -3.97 -10.82 -25.06
C GLU B 228 -4.88 -9.61 -25.22
N LYS B 229 -6.19 -9.83 -25.20
CA LYS B 229 -7.15 -8.75 -25.34
C LYS B 229 -7.63 -8.21 -23.99
N ALA B 230 -7.28 -8.90 -22.91
CA ALA B 230 -7.67 -8.47 -21.57
C ALA B 230 -7.32 -7.00 -21.39
N LEU B 231 -8.18 -6.28 -20.64
CA LEU B 231 -7.97 -4.86 -20.43
C LEU B 231 -7.02 -4.59 -19.26
N SER B 232 -6.75 -5.64 -18.49
CA SER B 232 -5.89 -5.54 -17.34
C SER B 232 -5.13 -6.85 -17.21
N ASP B 233 -3.97 -6.81 -16.56
CA ASP B 233 -3.17 -8.01 -16.35
C ASP B 233 -3.12 -8.93 -17.56
N ALA B 234 -2.96 -8.36 -18.74
CA ALA B 234 -2.91 -9.16 -19.96
C ALA B 234 -1.71 -10.11 -20.01
N SER B 235 -0.57 -9.65 -19.51
CA SER B 235 0.66 -10.44 -19.50
C SER B 235 0.60 -11.68 -18.62
N THR B 236 -0.22 -11.65 -17.57
CA THR B 236 -0.29 -12.76 -16.65
C THR B 236 -1.56 -13.60 -16.60
N GLN B 237 -2.62 -13.20 -17.29
CA GLN B 237 -3.84 -13.99 -17.23
C GLN B 237 -3.73 -15.28 -18.04
N LEU B 238 -4.29 -16.35 -17.48
CA LEU B 238 -4.23 -17.66 -18.12
C LEU B 238 -5.38 -17.90 -19.11
N PRO B 239 -5.07 -18.53 -20.27
CA PRO B 239 -6.13 -18.79 -21.25
C PRO B 239 -7.15 -19.76 -20.64
N LEU B 240 -8.43 -19.40 -20.74
CA LEU B 240 -9.51 -20.22 -20.18
C LEU B 240 -9.35 -21.70 -20.49
N SER B 241 -8.88 -22.00 -21.71
CA SER B 241 -8.71 -23.36 -22.18
C SER B 241 -7.68 -24.20 -21.42
N GLN B 242 -6.71 -23.53 -20.80
CA GLN B 242 -5.66 -24.23 -20.05
C GLN B 242 -6.02 -24.48 -18.59
N LEU B 243 -7.10 -23.88 -18.14
CA LEU B 243 -7.52 -24.01 -16.75
C LEU B 243 -7.75 -25.44 -16.26
N GLU B 244 -8.46 -26.25 -17.05
CA GLU B 244 -8.75 -27.62 -16.65
C GLU B 244 -7.48 -28.44 -16.41
N GLY B 245 -6.58 -28.42 -17.39
CA GLY B 245 -5.34 -29.17 -17.25
C GLY B 245 -4.52 -28.81 -16.02
N ILE B 246 -4.49 -27.53 -15.67
CA ILE B 246 -3.72 -27.10 -14.51
C ILE B 246 -4.38 -27.53 -13.20
N ILE B 247 -5.70 -27.48 -13.14
CA ILE B 247 -6.38 -27.90 -11.92
C ILE B 247 -6.13 -29.39 -11.68
N GLU B 248 -6.31 -30.20 -12.70
CA GLU B 248 -6.09 -31.64 -12.59
C GLU B 248 -4.65 -31.89 -12.15
N ALA B 249 -3.73 -31.14 -12.74
CA ALA B 249 -2.32 -31.27 -12.41
C ALA B 249 -2.05 -30.97 -10.94
N ILE B 250 -2.61 -29.87 -10.43
CA ILE B 250 -2.37 -29.55 -9.03
C ILE B 250 -3.07 -30.52 -8.07
N LEU B 251 -4.19 -31.08 -8.49
CA LEU B 251 -4.88 -32.04 -7.62
C LEU B 251 -4.06 -33.32 -7.49
N GLU B 252 -3.45 -33.76 -8.59
CA GLU B 252 -2.61 -34.96 -8.57
C GLU B 252 -1.36 -34.73 -7.72
N ILE B 253 -0.71 -33.59 -7.91
CA ILE B 253 0.49 -33.29 -7.14
C ILE B 253 0.15 -33.20 -5.66
N ARG B 254 -0.98 -32.56 -5.36
CA ARG B 254 -1.44 -32.41 -3.98
C ARG B 254 -1.72 -33.76 -3.32
N GLU B 255 -2.39 -34.64 -4.06
CA GLU B 255 -2.72 -35.95 -3.52
C GLU B 255 -1.46 -36.68 -3.05
N VAL B 256 -0.41 -36.65 -3.85
CA VAL B 256 0.84 -37.31 -3.48
C VAL B 256 1.61 -36.54 -2.42
N ALA B 257 1.76 -35.24 -2.63
CA ALA B 257 2.52 -34.40 -1.71
C ALA B 257 1.94 -34.24 -0.30
N SER B 258 0.61 -34.14 -0.21
CA SER B 258 -0.08 -33.95 1.07
C SER B 258 0.45 -34.85 2.19
N LYS B 259 0.91 -36.04 1.80
CA LYS B 259 1.45 -37.00 2.74
C LYS B 259 2.60 -36.40 3.55
N TYR B 260 3.29 -35.43 2.96
CA TYR B 260 4.44 -34.83 3.62
C TYR B 260 4.27 -33.41 4.14
N TYR B 261 3.05 -32.88 4.04
CA TYR B 261 2.79 -31.53 4.54
C TYR B 261 3.08 -31.52 6.05
N GLU B 262 3.93 -30.61 6.50
CA GLU B 262 4.27 -30.53 7.92
C GLU B 262 3.07 -30.14 8.78
N THR B 263 3.09 -30.56 10.05
CA THR B 263 2.02 -30.27 10.99
C THR B 263 2.08 -28.83 11.51
N ILE B 264 0.90 -28.21 11.57
CA ILE B 264 0.66 -26.82 12.01
C ILE B 264 1.29 -25.75 11.11
C1 PEP C . 3.69 9.55 8.11
O1 PEP C . 3.05 9.77 9.20
O2' PEP C . 4.47 10.29 7.61
C2 PEP C . 3.36 8.21 7.42
C3 PEP C . 2.29 7.42 7.75
O2 PEP C . 4.27 8.00 6.38
P PEP C . 4.46 6.79 5.39
O1P PEP C . 3.17 6.54 4.71
O2P PEP C . 4.92 5.57 6.07
O3P PEP C . 5.64 7.18 4.47
C1 A5P D . 3.55 4.18 8.77
O1 A5P D . 3.53 4.54 7.68
C2 A5P D . 4.23 4.86 9.94
O2 A5P D . 4.24 6.24 10.45
C3 A5P D . 3.33 3.97 10.79
O3 A5P D . 2.08 4.53 11.24
C4 A5P D . 4.26 3.31 11.80
O4 A5P D . 5.71 3.30 11.80
C5 A5P D . 3.51 1.99 11.68
O5 A5P D . 4.18 1.46 12.72
P A5P D . 3.96 0.25 13.44
O1P A5P D . 4.48 -0.82 12.59
O2P A5P D . 4.75 0.56 14.67
O3P A5P D . 2.49 0.11 13.73
C1 PEP E . -6.46 -8.49 -7.68
O1 PEP E . -7.21 -8.06 -8.62
O2' PEP E . -6.45 -9.59 -7.24
C2 PEP E . -5.51 -7.40 -7.13
C3 PEP E . -5.77 -6.08 -7.27
O2 PEP E . -4.46 -8.00 -6.43
P PEP E . -3.34 -7.38 -5.47
O1P PEP E . -4.00 -6.40 -4.60
O2P PEP E . -2.43 -6.75 -6.46
O3P PEP E . -2.64 -8.69 -5.02
C1 A5P F . -2.96 -4.63 -9.10
O1 A5P F . -2.82 -5.07 -8.07
C2 A5P F . -3.30 -5.40 -10.37
O2 A5P F . -4.39 -6.38 -10.59
C3 A5P F . -3.33 -4.07 -11.10
O3 A5P F . -4.66 -3.47 -11.17
C4 A5P F . -2.30 -4.26 -12.21
O4 A5P F . -1.05 -5.00 -12.14
C5 A5P F . -1.89 -2.78 -12.23
O5 A5P F . -1.33 -2.72 -13.51
P A5P F . -0.78 -1.63 -14.23
O1P A5P F . 0.59 -1.47 -13.62
O2P A5P F . -0.78 -2.13 -15.62
O3P A5P F . -1.66 -0.44 -14.11
#